data_1SUJ
#
_entry.id   1SUJ
#
_cell.length_a   70.762
_cell.length_b   75.049
_cell.length_c   79.059
_cell.angle_alpha   90.00
_cell.angle_beta   90.00
_cell.angle_gamma   90.00
#
_symmetry.space_group_name_H-M   'P 21 21 21'
#
loop_
_entity.id
_entity.type
_entity.pdbx_description
1 polymer 'cone arrestin'
2 water water
#
_entity_poly.entity_id   1
_entity_poly.type   'polypeptide(L)'
_entity_poly.pdbx_seq_one_letter_code
;MADGSKVYKKTCPNAKLSIYLGKRDFVDHVEHVEPVDGVVLIDPEYLKDRKVFVTLTCAFRYGRDDLDLIGMSFRKDLYS
LATQVYPPETKEPLTPLQEKLMKKLGAHAYPFCFKMGTNLPCSVTLQPGPDDTGKSCGVDFEVKAFCAENLEEKIHKRNS
VQLVIRKVQFAPANLGVAPKTEITRQFMLSDRPLHLEASLDKEIYYHGEPINVNVKINNTTGKIVKKIKIIVEQVTDVVL
FSLDKYVKTVCAEETNDTVAANSTLSKTFSVTPMLANNREKRGLALDGKLKHEDTNLASTTVIRPGMDKEVLGILVSYKV
KVHLVVARGGILGDLTSSDVAVELPLTLMHPKPSDDKPRSEEDIIIEEFARQKLDGEKDDEEEKEDVEREES
;
_entity_poly.pdbx_strand_id   A
#
# COMPACT_ATOMS: atom_id res chain seq x y z
N SER A 5 -2.79 24.05 12.71
CA SER A 5 -2.75 22.64 12.21
C SER A 5 -4.07 22.22 11.57
N LYS A 6 -3.97 21.30 10.62
CA LYS A 6 -5.15 20.81 9.92
C LYS A 6 -5.68 19.53 10.56
N VAL A 7 -6.99 19.45 10.75
CA VAL A 7 -7.63 18.28 11.34
C VAL A 7 -8.83 17.86 10.50
N TYR A 8 -9.24 16.60 10.64
CA TYR A 8 -10.35 16.09 9.84
C TYR A 8 -11.51 15.56 10.68
N LYS A 9 -12.74 15.87 10.25
CA LYS A 9 -13.91 15.46 11.00
C LYS A 9 -14.99 14.77 10.19
N LYS A 10 -15.84 14.05 10.89
CA LYS A 10 -16.97 13.39 10.28
C LYS A 10 -18.12 13.31 11.27
N THR A 11 -19.29 13.71 10.81
CA THR A 11 -20.50 13.73 11.62
C THR A 11 -21.41 12.58 11.25
N CYS A 12 -22.04 11.97 12.25
CA CYS A 12 -22.93 10.85 12.00
C CYS A 12 -24.22 11.35 11.34
N PRO A 13 -25.06 10.43 10.84
CA PRO A 13 -26.32 10.76 10.16
C PRO A 13 -27.20 11.80 10.85
N ASN A 14 -27.63 11.51 12.08
CA ASN A 14 -28.49 12.45 12.80
C ASN A 14 -27.73 13.63 13.40
N ALA A 15 -26.48 13.79 13.01
CA ALA A 15 -25.65 14.90 13.49
C ALA A 15 -25.54 15.00 15.03
N LYS A 16 -25.88 13.93 15.74
CA LYS A 16 -25.78 13.94 17.20
C LYS A 16 -24.42 13.47 17.71
N LEU A 17 -23.44 13.38 16.82
CA LEU A 17 -22.11 12.91 17.20
C LEU A 17 -21.11 13.01 16.04
N SER A 18 -19.93 13.56 16.30
CA SER A 18 -18.93 13.63 15.26
C SER A 18 -17.57 13.24 15.82
N ILE A 19 -16.63 12.90 14.94
CA ILE A 19 -15.32 12.48 15.35
C ILE A 19 -14.24 13.31 14.66
N TYR A 20 -13.11 13.52 15.34
CA TYR A 20 -12.01 14.30 14.79
C TYR A 20 -10.66 13.57 14.89
N LEU A 21 -9.87 13.67 13.81
CA LEU A 21 -8.55 13.06 13.76
C LEU A 21 -7.55 14.09 13.23
N GLY A 22 -6.30 13.95 13.63
CA GLY A 22 -5.27 14.90 13.19
C GLY A 22 -4.73 14.63 11.79
N LYS A 23 -4.93 13.40 11.31
CA LYS A 23 -4.49 13.04 9.98
C LYS A 23 -5.28 11.85 9.48
N ARG A 24 -5.23 11.61 8.17
CA ARG A 24 -5.94 10.50 7.54
C ARG A 24 -5.07 9.26 7.45
N ASP A 25 -3.75 9.47 7.36
CA ASP A 25 -2.83 8.36 7.22
C ASP A 25 -1.89 8.25 8.41
N PHE A 26 -1.58 7.01 8.80
CA PHE A 26 -0.69 6.76 9.92
C PHE A 26 0.41 5.81 9.49
N VAL A 27 1.64 6.20 9.77
CA VAL A 27 2.79 5.42 9.37
C VAL A 27 3.21 4.31 10.28
N ASP A 28 3.47 3.16 9.65
CA ASP A 28 3.95 2.00 10.35
C ASP A 28 5.45 2.04 10.10
N HIS A 29 6.21 2.34 11.13
CA HIS A 29 7.65 2.32 11.00
C HIS A 29 7.76 0.82 11.17
N VAL A 30 8.68 0.27 11.94
CA VAL A 30 8.57 -1.18 12.03
C VAL A 30 8.56 -1.57 13.48
N GLU A 31 9.36 -0.86 14.27
CA GLU A 31 9.43 -1.10 15.69
C GLU A 31 8.21 -0.53 16.38
N HIS A 32 7.55 0.43 15.74
CA HIS A 32 6.35 1.04 16.32
C HIS A 32 5.44 1.65 15.25
N VAL A 33 4.23 2.00 15.64
CA VAL A 33 3.27 2.59 14.75
C VAL A 33 2.81 3.90 15.35
N GLU A 34 2.50 4.87 14.50
CA GLU A 34 2.05 6.17 14.95
C GLU A 34 0.69 6.01 15.62
N PRO A 35 0.47 6.76 16.71
CA PRO A 35 -0.82 6.69 17.42
C PRO A 35 -1.94 7.31 16.62
N VAL A 36 -3.15 6.82 16.84
CA VAL A 36 -4.33 7.34 16.18
C VAL A 36 -5.06 8.05 17.31
N ASP A 37 -4.74 9.33 17.49
CA ASP A 37 -5.35 10.13 18.54
C ASP A 37 -6.35 11.12 17.94
N GLY A 38 -7.35 11.46 18.74
CA GLY A 38 -8.36 12.39 18.29
C GLY A 38 -9.35 12.62 19.41
N VAL A 39 -10.52 13.15 19.05
CA VAL A 39 -11.55 13.40 20.04
C VAL A 39 -12.92 13.22 19.37
N VAL A 40 -13.95 13.04 20.17
CA VAL A 40 -15.30 12.93 19.64
C VAL A 40 -16.08 14.06 20.31
N LEU A 41 -17.02 14.65 19.57
CA LEU A 41 -17.85 15.71 20.10
C LEU A 41 -19.17 15.04 20.39
N ILE A 42 -19.70 15.27 21.58
CA ILE A 42 -20.96 14.63 21.93
C ILE A 42 -22.09 15.60 22.22
N ASP A 43 -23.31 15.06 22.20
CA ASP A 43 -24.51 15.81 22.48
C ASP A 43 -25.12 15.22 23.74
N PRO A 44 -24.78 15.80 24.90
CA PRO A 44 -25.24 15.38 26.23
C PRO A 44 -26.75 15.13 26.32
N GLU A 45 -27.53 16.12 25.88
CA GLU A 45 -28.99 16.00 25.93
C GLU A 45 -29.43 14.76 25.14
N TYR A 46 -28.94 14.63 23.92
CA TYR A 46 -29.29 13.48 23.09
C TYR A 46 -28.83 12.17 23.74
N LEU A 47 -27.54 12.12 24.08
CA LEU A 47 -26.93 10.95 24.69
C LEU A 47 -27.44 10.79 26.12
N LYS A 48 -28.74 10.58 26.26
CA LYS A 48 -29.32 10.44 27.59
C LYS A 48 -29.00 9.10 28.25
N ASP A 49 -27.96 9.10 29.07
CA ASP A 49 -27.55 7.91 29.81
C ASP A 49 -26.81 6.83 29.01
N ARG A 50 -26.40 7.14 27.79
CA ARG A 50 -25.67 6.15 26.99
C ARG A 50 -24.18 6.43 27.05
N LYS A 51 -23.39 5.44 26.65
CA LYS A 51 -21.93 5.59 26.63
C LYS A 51 -21.50 5.77 25.17
N VAL A 52 -20.36 6.41 24.97
CA VAL A 52 -19.83 6.61 23.62
C VAL A 52 -18.53 5.79 23.50
N PHE A 53 -18.49 4.93 22.50
CA PHE A 53 -17.32 4.09 22.27
C PHE A 53 -16.63 4.46 20.97
N VAL A 54 -15.36 4.12 20.86
CA VAL A 54 -14.60 4.35 19.63
C VAL A 54 -13.81 3.08 19.39
N THR A 55 -13.98 2.48 18.21
CA THR A 55 -13.27 1.26 17.87
C THR A 55 -12.41 1.42 16.62
N LEU A 56 -11.37 0.61 16.55
CA LEU A 56 -10.43 0.60 15.44
C LEU A 56 -10.33 -0.87 15.04
N THR A 57 -10.65 -1.16 13.79
CA THR A 57 -10.61 -2.53 13.33
C THR A 57 -9.82 -2.74 12.04
N CYS A 58 -8.96 -3.76 12.07
CA CYS A 58 -8.20 -4.12 10.89
C CYS A 58 -8.94 -5.35 10.34
N ALA A 59 -9.48 -5.23 9.14
CA ALA A 59 -10.23 -6.33 8.57
C ALA A 59 -9.84 -6.71 7.14
N PHE A 60 -9.91 -8.01 6.87
CA PHE A 60 -9.63 -8.53 5.56
C PHE A 60 -10.98 -8.86 4.96
N ARG A 61 -11.22 -8.42 3.73
CA ARG A 61 -12.49 -8.68 3.07
C ARG A 61 -12.22 -9.26 1.69
N TYR A 62 -13.09 -10.16 1.27
CA TYR A 62 -12.95 -10.76 -0.04
C TYR A 62 -14.33 -10.83 -0.69
N GLY A 63 -14.40 -10.44 -1.96
CA GLY A 63 -15.66 -10.47 -2.66
C GLY A 63 -16.39 -9.14 -2.61
N ARG A 64 -17.63 -9.13 -3.10
CA ARG A 64 -18.45 -7.93 -3.15
C ARG A 64 -17.92 -6.95 -4.19
N ASP A 65 -18.44 -7.03 -5.40
CA ASP A 65 -18.00 -6.15 -6.48
C ASP A 65 -18.05 -4.69 -6.05
N ASP A 66 -17.48 -3.81 -6.89
CA ASP A 66 -17.41 -2.37 -6.62
C ASP A 66 -17.90 -1.90 -5.25
N LEU A 67 -19.21 -1.86 -5.05
CA LEU A 67 -19.78 -1.42 -3.76
C LEU A 67 -20.61 -2.51 -3.06
N ASP A 68 -21.60 -3.06 -3.74
CA ASP A 68 -22.44 -4.11 -3.17
C ASP A 68 -23.17 -4.91 -4.24
N LEU A 69 -22.95 -6.22 -4.26
CA LEU A 69 -23.61 -7.08 -5.25
C LEU A 69 -24.51 -8.14 -4.62
N ILE A 70 -23.98 -9.34 -4.41
CA ILE A 70 -24.77 -10.42 -3.86
C ILE A 70 -23.97 -11.73 -3.72
N GLY A 71 -23.14 -12.01 -4.72
CA GLY A 71 -22.34 -13.23 -4.77
C GLY A 71 -21.72 -13.86 -3.53
N MET A 72 -20.41 -14.07 -3.61
CA MET A 72 -19.65 -14.68 -2.53
C MET A 72 -18.87 -13.64 -1.74
N SER A 73 -18.72 -13.88 -0.44
CA SER A 73 -17.98 -12.96 0.41
C SER A 73 -17.37 -13.65 1.62
N PHE A 74 -16.25 -13.12 2.08
CA PHE A 74 -15.55 -13.63 3.25
C PHE A 74 -15.03 -12.40 3.98
N ARG A 75 -15.12 -12.43 5.31
CA ARG A 75 -14.64 -11.32 6.10
C ARG A 75 -14.02 -11.81 7.39
N LYS A 76 -12.89 -11.21 7.76
CA LYS A 76 -12.21 -11.59 8.99
C LYS A 76 -11.54 -10.42 9.71
N ASP A 77 -11.89 -10.24 10.97
CA ASP A 77 -11.26 -9.18 11.77
C ASP A 77 -9.94 -9.81 12.23
N LEU A 78 -8.84 -9.16 11.87
CA LEU A 78 -7.53 -9.66 12.24
C LEU A 78 -7.03 -8.93 13.48
N TYR A 79 -7.68 -7.82 13.79
CA TYR A 79 -7.28 -6.99 14.91
C TYR A 79 -8.32 -5.92 15.19
N SER A 80 -8.62 -5.71 16.47
CA SER A 80 -9.58 -4.67 16.84
C SER A 80 -9.35 -4.16 18.25
N LEU A 81 -9.48 -2.84 18.38
CA LEU A 81 -9.35 -2.15 19.65
C LEU A 81 -10.63 -1.37 19.87
N ALA A 82 -11.18 -1.41 21.08
CA ALA A 82 -12.40 -0.69 21.43
C ALA A 82 -12.21 0.01 22.76
N THR A 83 -12.77 1.21 22.87
CA THR A 83 -12.63 1.98 24.08
C THR A 83 -13.87 2.81 24.39
N GLN A 84 -14.14 2.94 25.68
CA GLN A 84 -15.25 3.76 26.15
C GLN A 84 -14.65 5.15 26.28
N VAL A 85 -15.04 6.08 25.42
CA VAL A 85 -14.50 7.43 25.50
C VAL A 85 -15.32 8.29 26.45
N TYR A 86 -16.64 8.08 26.46
CA TYR A 86 -17.52 8.81 27.34
C TYR A 86 -18.55 7.88 27.98
N PRO A 87 -18.74 7.98 29.30
CA PRO A 87 -18.04 8.92 30.20
C PRO A 87 -16.59 8.49 30.39
N PRO A 88 -15.67 9.46 30.56
CA PRO A 88 -14.25 9.17 30.75
C PRO A 88 -13.96 8.56 32.11
N GLU A 89 -12.68 8.25 32.35
CA GLU A 89 -12.26 7.66 33.61
C GLU A 89 -10.79 7.98 33.87
N THR A 90 -9.90 7.15 33.36
CA THR A 90 -8.47 7.37 33.55
C THR A 90 -8.02 8.63 32.79
N LYS A 91 -7.73 9.67 33.57
CA LYS A 91 -7.29 10.96 33.05
C LYS A 91 -5.81 10.86 32.67
N GLU A 92 -5.51 10.65 31.39
CA GLU A 92 -4.11 10.53 31.00
C GLU A 92 -3.55 11.46 29.92
N PRO A 93 -2.22 11.63 29.91
CA PRO A 93 -1.47 12.48 28.98
C PRO A 93 -2.13 12.71 27.64
N LEU A 94 -2.73 13.88 27.52
CA LEU A 94 -3.40 14.28 26.31
C LEU A 94 -2.29 14.72 25.34
N THR A 95 -2.46 14.46 24.05
CA THR A 95 -1.46 14.85 23.06
C THR A 95 -1.69 16.32 22.71
N PRO A 96 -0.65 17.03 22.26
CA PRO A 96 -0.78 18.44 21.91
C PRO A 96 -2.00 18.77 21.05
N LEU A 97 -2.19 18.01 19.97
CA LEU A 97 -3.33 18.26 19.09
C LEU A 97 -4.65 18.01 19.82
N GLN A 98 -4.66 17.03 20.73
CA GLN A 98 -5.88 16.76 21.48
C GLN A 98 -6.16 17.96 22.35
N GLU A 99 -5.09 18.53 22.92
CA GLU A 99 -5.20 19.69 23.78
C GLU A 99 -5.98 20.77 23.02
N LYS A 100 -5.52 21.08 21.82
CA LYS A 100 -6.15 22.10 20.98
C LYS A 100 -7.58 21.76 20.57
N LEU A 101 -7.82 20.54 20.10
CA LEU A 101 -9.16 20.15 19.69
C LEU A 101 -10.16 20.45 20.79
N MET A 102 -9.79 20.16 22.02
CA MET A 102 -10.67 20.38 23.17
C MET A 102 -10.81 21.86 23.52
N LYS A 103 -9.75 22.65 23.29
CA LYS A 103 -9.80 24.08 23.57
C LYS A 103 -10.71 24.73 22.53
N LYS A 104 -10.86 24.05 21.40
CA LYS A 104 -11.68 24.54 20.29
C LYS A 104 -13.12 24.03 20.30
N LEU A 105 -13.28 22.71 20.25
CA LEU A 105 -14.62 22.11 20.24
C LEU A 105 -15.44 22.39 21.48
N GLY A 106 -14.78 22.64 22.60
CA GLY A 106 -15.49 22.91 23.82
C GLY A 106 -15.37 21.85 24.89
N ALA A 107 -16.38 21.77 25.75
CA ALA A 107 -16.38 20.82 26.85
C ALA A 107 -17.03 19.49 26.50
N HIS A 108 -17.73 19.43 25.37
CA HIS A 108 -18.37 18.18 24.98
C HIS A 108 -17.51 17.38 24.00
N ALA A 109 -16.20 17.58 24.10
CA ALA A 109 -15.23 16.87 23.28
C ALA A 109 -14.42 15.96 24.20
N TYR A 110 -14.43 14.67 23.94
CA TYR A 110 -13.68 13.72 24.75
C TYR A 110 -12.62 12.99 23.93
N PRO A 111 -11.38 12.94 24.45
CA PRO A 111 -10.26 12.28 23.78
C PRO A 111 -10.27 10.76 23.78
N PHE A 112 -9.55 10.20 22.81
CA PHE A 112 -9.40 8.76 22.66
C PHE A 112 -8.08 8.63 21.93
N CYS A 113 -7.34 7.55 22.20
CA CYS A 113 -6.08 7.34 21.51
C CYS A 113 -5.83 5.87 21.25
N PHE A 114 -5.49 5.53 20.02
CA PHE A 114 -5.20 4.15 19.68
C PHE A 114 -3.73 3.98 19.33
N LYS A 115 -3.08 3.07 20.04
CA LYS A 115 -1.68 2.75 19.81
C LYS A 115 -1.66 1.32 19.30
N MET A 116 -1.75 1.16 17.98
CA MET A 116 -1.74 -0.15 17.36
C MET A 116 -0.47 -0.90 17.68
N GLY A 117 -0.55 -2.22 17.65
CA GLY A 117 0.64 -3.01 17.90
C GLY A 117 1.43 -3.08 16.61
N THR A 118 2.54 -3.80 16.62
CA THR A 118 3.38 -3.94 15.45
C THR A 118 3.03 -5.23 14.72
N ASN A 119 3.61 -5.39 13.54
CA ASN A 119 3.41 -6.60 12.73
C ASN A 119 2.06 -6.72 12.03
N LEU A 120 1.19 -5.72 12.17
CA LEU A 120 -0.10 -5.78 11.50
C LEU A 120 0.07 -5.44 10.02
N PRO A 121 -0.80 -5.97 9.15
CA PRO A 121 -0.64 -5.63 7.74
C PRO A 121 -1.01 -4.18 7.49
N CYS A 122 -0.48 -3.62 6.40
CA CYS A 122 -0.78 -2.25 6.04
C CYS A 122 -1.97 -2.25 5.10
N SER A 123 -2.50 -1.06 4.82
CA SER A 123 -3.64 -0.93 3.93
C SER A 123 -3.38 -1.45 2.52
N VAL A 124 -4.27 -2.33 2.06
CA VAL A 124 -4.16 -2.88 0.72
C VAL A 124 -5.55 -3.13 0.14
N THR A 125 -5.80 -2.54 -1.02
CA THR A 125 -7.07 -2.70 -1.73
C THR A 125 -6.79 -3.16 -3.17
N LEU A 126 -7.56 -4.13 -3.64
CA LEU A 126 -7.39 -4.61 -5.01
C LEU A 126 -8.74 -4.88 -5.69
N GLN A 127 -8.87 -4.38 -6.91
CA GLN A 127 -10.09 -4.56 -7.70
C GLN A 127 -9.73 -5.33 -8.97
N PRO A 128 -10.40 -6.47 -9.19
CA PRO A 128 -10.23 -7.39 -10.33
C PRO A 128 -10.35 -6.71 -11.68
N GLY A 129 -9.58 -7.21 -12.64
CA GLY A 129 -9.63 -6.68 -13.99
C GLY A 129 -9.95 -7.77 -15.01
N PRO A 130 -10.14 -7.38 -16.29
CA PRO A 130 -10.45 -8.25 -17.43
C PRO A 130 -9.54 -9.49 -17.60
N ASP A 131 -8.32 -9.40 -17.08
CA ASP A 131 -7.41 -10.53 -17.19
C ASP A 131 -7.13 -11.20 -15.87
N ASP A 132 -8.05 -11.05 -14.92
CA ASP A 132 -7.88 -11.65 -13.61
C ASP A 132 -9.02 -12.61 -13.29
N THR A 133 -8.71 -13.62 -12.48
CA THR A 133 -9.66 -14.65 -12.09
C THR A 133 -10.33 -14.39 -10.74
N GLY A 134 -9.62 -13.75 -9.82
CA GLY A 134 -10.17 -13.48 -8.51
C GLY A 134 -11.25 -12.43 -8.37
N LYS A 135 -11.54 -12.06 -7.12
CA LYS A 135 -12.56 -11.06 -6.78
C LYS A 135 -11.92 -9.91 -5.99
N SER A 136 -12.68 -8.83 -5.80
CA SER A 136 -12.18 -7.68 -5.02
C SER A 136 -11.81 -8.17 -3.62
N CYS A 137 -10.79 -7.56 -3.04
CA CYS A 137 -10.35 -7.91 -1.70
C CYS A 137 -9.51 -6.79 -1.13
N GLY A 138 -9.26 -6.84 0.17
CA GLY A 138 -8.45 -5.81 0.78
C GLY A 138 -8.33 -5.93 2.28
N VAL A 139 -7.36 -5.19 2.83
CA VAL A 139 -7.10 -5.11 4.25
C VAL A 139 -7.40 -3.64 4.59
N ASP A 140 -8.36 -3.46 5.47
CA ASP A 140 -8.86 -2.15 5.89
C ASP A 140 -8.62 -1.83 7.37
N PHE A 141 -8.60 -0.53 7.67
CA PHE A 141 -8.47 -0.05 9.04
C PHE A 141 -9.60 0.94 9.24
N GLU A 142 -10.64 0.49 9.91
CA GLU A 142 -11.80 1.32 10.15
C GLU A 142 -11.94 1.82 11.58
N VAL A 143 -12.27 3.10 11.70
CA VAL A 143 -12.48 3.76 12.97
C VAL A 143 -13.96 4.15 13.11
N LYS A 144 -14.64 3.58 14.09
CA LYS A 144 -16.04 3.89 14.33
C LYS A 144 -16.25 4.53 15.69
N ALA A 145 -17.20 5.45 15.77
CA ALA A 145 -17.56 6.09 17.03
C ALA A 145 -19.08 5.95 17.06
N PHE A 146 -19.63 5.53 18.20
CA PHE A 146 -21.06 5.33 18.30
C PHE A 146 -21.58 5.43 19.72
N CYS A 147 -22.90 5.53 19.85
CA CYS A 147 -23.60 5.62 21.15
C CYS A 147 -24.27 4.29 21.43
N ALA A 148 -24.09 3.74 22.62
CA ALA A 148 -24.71 2.47 22.95
C ALA A 148 -24.57 2.14 24.43
N GLU A 149 -25.26 1.07 24.84
CA GLU A 149 -25.22 0.62 26.24
C GLU A 149 -23.90 -0.07 26.48
N ASN A 150 -23.53 -0.97 25.57
CA ASN A 150 -22.27 -1.68 25.65
C ASN A 150 -21.80 -2.12 24.27
N LEU A 151 -20.58 -2.63 24.18
CA LEU A 151 -20.03 -3.08 22.91
C LEU A 151 -20.75 -4.30 22.37
N GLU A 152 -21.57 -4.91 23.21
CA GLU A 152 -22.31 -6.10 22.81
C GLU A 152 -23.49 -5.75 21.93
N GLU A 153 -24.06 -4.56 22.14
CA GLU A 153 -25.20 -4.10 21.34
C GLU A 153 -24.91 -4.08 19.85
N LYS A 154 -25.92 -4.41 19.05
CA LYS A 154 -25.78 -4.36 17.60
C LYS A 154 -25.69 -2.87 17.31
N ILE A 155 -24.81 -2.48 16.40
CA ILE A 155 -24.66 -1.06 16.09
C ILE A 155 -25.52 -0.62 14.91
N HIS A 156 -26.25 0.48 15.12
CA HIS A 156 -27.12 1.04 14.09
C HIS A 156 -26.45 2.26 13.49
N LYS A 157 -26.46 2.35 12.18
CA LYS A 157 -25.83 3.46 11.47
C LYS A 157 -26.31 4.86 11.78
N ARG A 158 -27.57 5.01 12.20
CA ARG A 158 -28.09 6.34 12.46
C ARG A 158 -27.31 7.16 13.50
N ASN A 159 -26.79 6.52 14.55
CA ASN A 159 -26.02 7.26 15.55
C ASN A 159 -24.58 6.76 15.72
N SER A 160 -23.91 6.60 14.58
CA SER A 160 -22.52 6.17 14.56
C SER A 160 -21.86 6.71 13.31
N VAL A 161 -20.55 6.96 13.39
CA VAL A 161 -19.77 7.45 12.26
C VAL A 161 -18.67 6.44 12.02
N GLN A 162 -18.35 6.21 10.75
CA GLN A 162 -17.31 5.28 10.34
C GLN A 162 -16.27 6.02 9.52
N LEU A 163 -15.01 5.74 9.80
CA LEU A 163 -13.91 6.37 9.10
C LEU A 163 -12.90 5.30 8.67
N VAL A 164 -12.37 5.42 7.46
CA VAL A 164 -11.35 4.49 7.00
C VAL A 164 -10.01 5.23 6.91
N ILE A 165 -9.08 4.89 7.78
CA ILE A 165 -7.77 5.53 7.76
C ILE A 165 -6.81 4.57 7.05
N ARG A 166 -5.65 5.06 6.66
CA ARG A 166 -4.66 4.20 6.02
C ARG A 166 -3.48 4.02 6.96
N LYS A 167 -2.91 2.83 6.95
CA LYS A 167 -1.72 2.56 7.74
C LYS A 167 -0.72 2.23 6.65
N VAL A 168 0.21 3.16 6.39
CA VAL A 168 1.22 2.95 5.37
C VAL A 168 2.54 2.50 5.98
N GLN A 169 3.36 1.84 5.15
CA GLN A 169 4.62 1.27 5.59
C GLN A 169 5.89 2.04 5.24
N PHE A 170 6.74 2.26 6.25
CA PHE A 170 8.01 2.93 6.06
C PHE A 170 9.11 1.92 6.41
N ALA A 171 10.26 2.02 5.75
CA ALA A 171 11.39 1.12 5.97
C ALA A 171 12.31 1.65 7.07
N PRO A 172 12.41 0.91 8.19
CA PRO A 172 13.22 1.21 9.38
C PRO A 172 14.45 2.07 9.17
N ALA A 173 14.60 3.09 10.01
CA ALA A 173 15.77 3.96 9.96
C ALA A 173 16.88 3.10 10.56
N ASN A 174 16.45 1.99 11.16
CA ASN A 174 17.33 1.03 11.80
C ASN A 174 17.63 -0.09 10.81
N LEU A 175 17.95 0.28 9.57
CA LEU A 175 18.27 -0.69 8.53
C LEU A 175 19.57 -0.37 7.80
N GLY A 176 20.37 -1.40 7.59
CA GLY A 176 21.64 -1.24 6.90
C GLY A 176 22.26 -2.59 6.60
N VAL A 177 23.58 -2.61 6.42
CA VAL A 177 24.30 -3.84 6.12
C VAL A 177 23.76 -4.50 4.85
N ALA A 178 23.46 -3.67 3.84
CA ALA A 178 22.92 -4.15 2.57
C ALA A 178 23.93 -4.98 1.77
N PRO A 179 23.54 -6.21 1.39
CA PRO A 179 24.40 -7.12 0.61
C PRO A 179 24.80 -6.53 -0.74
N LYS A 180 23.86 -6.53 -1.68
CA LYS A 180 24.05 -6.01 -3.04
C LYS A 180 23.03 -6.66 -3.95
N THR A 181 22.04 -5.88 -4.40
CA THR A 181 20.99 -6.41 -5.27
C THR A 181 21.49 -6.38 -6.72
N GLU A 182 22.17 -7.45 -7.13
CA GLU A 182 22.69 -7.55 -8.47
C GLU A 182 22.54 -8.96 -8.98
N ILE A 183 22.57 -9.11 -10.31
CA ILE A 183 22.47 -10.43 -10.89
C ILE A 183 23.06 -10.44 -12.28
N THR A 184 23.62 -11.58 -12.64
CA THR A 184 24.23 -11.77 -13.94
C THR A 184 23.97 -13.20 -14.36
N ARG A 185 23.52 -13.37 -15.60
CA ARG A 185 23.21 -14.68 -16.14
C ARG A 185 23.74 -14.78 -17.56
N GLN A 186 23.83 -16.00 -18.07
CA GLN A 186 24.31 -16.25 -19.41
C GLN A 186 23.21 -16.97 -20.18
N PHE A 187 23.04 -16.62 -21.43
CA PHE A 187 22.05 -17.27 -22.26
C PHE A 187 22.75 -17.67 -23.55
N MET A 188 22.66 -18.94 -23.90
CA MET A 188 23.29 -19.45 -25.11
C MET A 188 22.44 -19.26 -26.35
N LEU A 189 23.06 -18.69 -27.36
CA LEU A 189 22.42 -18.45 -28.65
C LEU A 189 23.38 -19.04 -29.68
N SER A 190 23.02 -20.20 -30.21
CA SER A 190 23.86 -20.89 -31.20
C SER A 190 25.23 -21.21 -30.61
N ASP A 191 25.23 -21.70 -29.38
CA ASP A 191 26.46 -22.08 -28.67
C ASP A 191 27.37 -20.95 -28.21
N ARG A 192 26.89 -19.72 -28.28
CA ARG A 192 27.70 -18.56 -27.87
C ARG A 192 26.96 -17.76 -26.79
N PRO A 193 27.68 -17.34 -25.74
CA PRO A 193 27.13 -16.58 -24.62
C PRO A 193 26.61 -15.16 -24.86
N LEU A 194 25.54 -14.84 -24.17
CA LEU A 194 24.94 -13.51 -24.17
C LEU A 194 24.81 -13.28 -22.68
N HIS A 195 25.72 -12.49 -22.12
CA HIS A 195 25.69 -12.18 -20.69
C HIS A 195 24.83 -10.94 -20.51
N LEU A 196 23.98 -10.97 -19.49
CA LEU A 196 23.11 -9.84 -19.18
C LEU A 196 23.21 -9.69 -17.68
N GLU A 197 23.64 -8.52 -17.23
CA GLU A 197 23.80 -8.22 -15.81
C GLU A 197 22.99 -6.99 -15.41
N ALA A 198 22.39 -7.03 -14.22
CA ALA A 198 21.60 -5.90 -13.72
C ALA A 198 21.83 -5.69 -12.23
N SER A 199 21.71 -4.45 -11.78
CA SER A 199 21.90 -4.15 -10.36
C SER A 199 21.18 -2.88 -9.94
N LEU A 200 20.85 -2.83 -8.65
CA LEU A 200 20.19 -1.68 -8.06
C LEU A 200 21.20 -1.01 -7.15
N ASP A 201 21.11 0.31 -7.05
CA ASP A 201 22.03 1.07 -6.20
C ASP A 201 21.65 1.11 -4.72
N LYS A 202 20.37 0.90 -4.42
CA LYS A 202 19.89 0.96 -3.02
C LYS A 202 19.19 -0.31 -2.51
N GLU A 203 18.80 -0.27 -1.24
CA GLU A 203 18.14 -1.40 -0.61
C GLU A 203 16.63 -1.18 -0.62
N ILE A 204 16.22 0.03 -0.30
CA ILE A 204 14.80 0.37 -0.28
C ILE A 204 14.54 1.61 -1.09
N TYR A 205 13.46 1.58 -1.86
CA TYR A 205 13.05 2.73 -2.65
C TYR A 205 11.70 3.19 -2.12
N TYR A 206 11.35 4.45 -2.39
CA TYR A 206 10.11 5.03 -1.91
C TYR A 206 9.24 5.54 -3.03
N HIS A 207 7.93 5.48 -2.82
CA HIS A 207 6.95 5.92 -3.81
C HIS A 207 7.30 7.32 -4.31
N GLY A 208 7.16 7.52 -5.62
CA GLY A 208 7.47 8.80 -6.24
C GLY A 208 8.95 9.06 -6.43
N GLU A 209 9.77 8.07 -6.08
CA GLU A 209 11.23 8.19 -6.19
C GLU A 209 11.84 7.40 -7.36
N PRO A 210 12.87 7.97 -8.01
CA PRO A 210 13.56 7.35 -9.14
C PRO A 210 14.33 6.06 -8.80
N ILE A 211 14.18 5.03 -9.62
CA ILE A 211 14.91 3.79 -9.41
C ILE A 211 15.91 3.66 -10.54
N ASN A 212 17.20 3.64 -10.19
CA ASN A 212 18.25 3.51 -11.19
C ASN A 212 18.67 2.05 -11.32
N VAL A 213 18.57 1.55 -12.53
CA VAL A 213 18.90 0.17 -12.83
C VAL A 213 20.11 0.11 -13.74
N ASN A 214 21.19 -0.48 -13.23
CA ASN A 214 22.42 -0.62 -13.99
C ASN A 214 22.34 -1.89 -14.85
N VAL A 215 22.64 -1.73 -16.14
CA VAL A 215 22.61 -2.84 -17.07
C VAL A 215 23.93 -3.01 -17.82
N LYS A 216 24.49 -4.21 -17.74
CA LYS A 216 25.72 -4.52 -18.45
C LYS A 216 25.40 -5.72 -19.32
N ILE A 217 25.67 -5.58 -20.61
CA ILE A 217 25.41 -6.64 -21.57
C ILE A 217 26.67 -6.93 -22.39
N ASN A 218 27.14 -8.17 -22.29
CA ASN A 218 28.31 -8.65 -23.00
C ASN A 218 27.79 -9.68 -23.99
N ASN A 219 27.52 -9.23 -25.20
CA ASN A 219 27.00 -10.09 -26.27
C ASN A 219 28.12 -10.63 -27.14
N THR A 220 28.53 -11.87 -26.87
CA THR A 220 29.58 -12.50 -27.65
C THR A 220 29.00 -13.32 -28.78
N THR A 221 27.68 -13.27 -28.95
CA THR A 221 27.03 -14.02 -30.01
C THR A 221 27.06 -13.26 -31.32
N GLY A 222 26.58 -13.91 -32.38
CA GLY A 222 26.54 -13.28 -33.69
C GLY A 222 25.16 -12.70 -33.92
N LYS A 223 24.36 -12.67 -32.87
CA LYS A 223 23.01 -12.13 -32.94
C LYS A 223 22.98 -10.70 -32.41
N ILE A 224 21.86 -10.02 -32.59
CA ILE A 224 21.74 -8.63 -32.18
C ILE A 224 20.57 -8.32 -31.25
N VAL A 225 20.86 -7.67 -30.12
CA VAL A 225 19.78 -7.31 -29.23
C VAL A 225 19.26 -5.99 -29.79
N LYS A 226 18.01 -6.02 -30.27
CA LYS A 226 17.38 -4.87 -30.86
C LYS A 226 16.62 -4.00 -29.88
N LYS A 227 16.21 -4.58 -28.76
CA LYS A 227 15.48 -3.82 -27.77
C LYS A 227 15.86 -4.23 -26.36
N ILE A 228 15.76 -3.26 -25.46
CA ILE A 228 16.03 -3.48 -24.05
C ILE A 228 14.83 -2.85 -23.36
N LYS A 229 14.13 -3.66 -22.58
CA LYS A 229 12.95 -3.17 -21.88
C LYS A 229 13.17 -3.28 -20.37
N ILE A 230 12.75 -2.26 -19.63
CA ILE A 230 12.89 -2.27 -18.19
C ILE A 230 11.48 -2.17 -17.62
N ILE A 231 11.09 -3.14 -16.80
CA ILE A 231 9.77 -3.09 -16.20
C ILE A 231 9.84 -3.26 -14.69
N VAL A 232 8.88 -2.63 -14.01
CA VAL A 232 8.77 -2.76 -12.58
C VAL A 232 7.51 -3.61 -12.50
N GLU A 233 7.64 -4.77 -11.89
CA GLU A 233 6.53 -5.71 -11.79
C GLU A 233 6.02 -5.83 -10.36
N GLN A 234 4.70 -5.83 -10.21
CA GLN A 234 4.08 -5.98 -8.90
C GLN A 234 3.45 -7.37 -8.82
N VAL A 235 3.79 -8.08 -7.75
CA VAL A 235 3.28 -9.42 -7.52
C VAL A 235 2.42 -9.37 -6.26
N THR A 236 1.13 -9.69 -6.42
CA THR A 236 0.20 -9.68 -5.32
C THR A 236 -0.35 -11.06 -5.05
N ASP A 237 -0.19 -11.52 -3.82
CA ASP A 237 -0.67 -12.83 -3.42
C ASP A 237 -1.73 -12.71 -2.32
N VAL A 238 -2.94 -13.15 -2.62
CA VAL A 238 -3.98 -13.14 -1.63
C VAL A 238 -3.71 -14.48 -0.97
N VAL A 239 -3.50 -14.47 0.35
CA VAL A 239 -3.17 -15.70 1.05
C VAL A 239 -4.18 -16.14 2.09
N LEU A 240 -5.32 -15.46 2.18
CA LEU A 240 -6.30 -15.86 3.18
C LEU A 240 -7.35 -16.81 2.63
N PHE A 241 -8.45 -16.24 2.14
CA PHE A 241 -9.57 -17.05 1.64
C PHE A 241 -9.28 -17.80 0.34
N SER A 242 -9.05 -17.04 -0.74
CA SER A 242 -8.78 -17.59 -2.06
C SER A 242 -7.34 -17.24 -2.42
N LEU A 243 -6.57 -18.22 -2.86
CA LEU A 243 -5.17 -18.01 -3.22
C LEU A 243 -4.97 -17.36 -4.58
N ASP A 244 -5.54 -16.16 -4.76
CA ASP A 244 -5.43 -15.44 -6.02
C ASP A 244 -4.01 -14.89 -6.25
N LYS A 245 -3.60 -14.85 -7.51
CA LYS A 245 -2.28 -14.34 -7.86
C LYS A 245 -2.34 -13.29 -8.97
N TYR A 246 -1.66 -12.17 -8.73
CA TYR A 246 -1.62 -11.10 -9.72
C TYR A 246 -0.16 -10.73 -9.94
N VAL A 247 0.23 -10.62 -11.21
CA VAL A 247 1.58 -10.24 -11.60
C VAL A 247 1.32 -9.17 -12.64
N LYS A 248 1.61 -7.92 -12.28
CA LYS A 248 1.37 -6.79 -13.17
C LYS A 248 2.54 -5.84 -13.36
N THR A 249 2.59 -5.25 -14.54
CA THR A 249 3.62 -4.28 -14.87
C THR A 249 3.12 -2.93 -14.39
N VAL A 250 3.88 -2.27 -13.52
CA VAL A 250 3.49 -0.97 -13.01
C VAL A 250 4.39 0.12 -13.57
N CYS A 251 5.28 -0.23 -14.48
CA CYS A 251 6.19 0.71 -15.12
C CYS A 251 6.98 -0.01 -16.21
N ALA A 252 7.03 0.60 -17.38
CA ALA A 252 7.75 0.01 -18.51
C ALA A 252 8.50 1.09 -19.27
N GLU A 253 9.81 0.95 -19.36
CA GLU A 253 10.66 1.90 -20.08
C GLU A 253 11.26 1.18 -21.27
N GLU A 254 10.60 1.24 -22.42
CA GLU A 254 11.13 0.59 -23.61
C GLU A 254 12.01 1.60 -24.31
N THR A 255 13.23 1.18 -24.63
CA THR A 255 14.18 2.08 -25.26
C THR A 255 14.70 1.66 -26.65
N ASN A 256 15.57 2.51 -27.19
CA ASN A 256 16.16 2.29 -28.51
C ASN A 256 17.36 1.36 -28.47
N ASP A 257 18.20 1.55 -27.46
CA ASP A 257 19.42 0.78 -27.27
C ASP A 257 19.50 -0.57 -27.95
N THR A 258 20.58 -0.75 -28.69
CA THR A 258 20.84 -1.99 -29.40
C THR A 258 22.24 -2.47 -29.03
N VAL A 259 22.50 -3.76 -29.19
CA VAL A 259 23.82 -4.30 -28.90
C VAL A 259 24.19 -5.23 -30.05
N ALA A 260 25.06 -4.72 -30.91
CA ALA A 260 25.53 -5.47 -32.06
C ALA A 260 26.31 -6.71 -31.65
N ALA A 261 26.65 -7.52 -32.64
CA ALA A 261 27.41 -8.73 -32.44
C ALA A 261 28.78 -8.42 -31.86
N ASN A 262 29.30 -9.32 -31.02
CA ASN A 262 30.61 -9.16 -30.42
C ASN A 262 30.75 -7.77 -29.81
N SER A 263 29.70 -7.31 -29.15
CA SER A 263 29.71 -5.98 -28.55
C SER A 263 29.22 -5.99 -27.11
N THR A 264 29.60 -4.96 -26.36
CA THR A 264 29.16 -4.86 -24.98
C THR A 264 28.45 -3.53 -24.81
N LEU A 265 27.64 -3.44 -23.75
CA LEU A 265 26.92 -2.21 -23.45
C LEU A 265 26.75 -2.06 -21.95
N SER A 266 27.17 -0.91 -21.42
CA SER A 266 27.00 -0.59 -20.02
C SER A 266 26.13 0.65 -20.03
N LYS A 267 25.02 0.61 -19.31
CA LYS A 267 24.11 1.74 -19.27
C LYS A 267 23.28 1.76 -18.00
N THR A 268 22.75 2.94 -17.67
CA THR A 268 21.92 3.05 -16.48
C THR A 268 20.54 3.58 -16.84
N PHE A 269 19.52 2.79 -16.54
CA PHE A 269 18.15 3.21 -16.80
C PHE A 269 17.63 3.81 -15.50
N SER A 270 16.66 4.71 -15.61
CA SER A 270 16.10 5.33 -14.43
C SER A 270 14.60 5.44 -14.62
N VAL A 271 13.84 4.74 -13.78
CA VAL A 271 12.39 4.75 -13.88
C VAL A 271 11.70 4.98 -12.53
N THR A 272 10.52 5.56 -12.58
CA THR A 272 9.76 5.86 -11.37
C THR A 272 8.37 5.26 -11.46
N PRO A 273 8.12 4.17 -10.74
CA PRO A 273 6.82 3.50 -10.73
C PRO A 273 5.79 4.42 -10.04
N MET A 274 4.70 4.73 -10.72
CA MET A 274 3.70 5.58 -10.10
C MET A 274 2.29 5.24 -10.55
N LEU A 275 1.42 4.99 -9.58
CA LEU A 275 0.02 4.65 -9.85
C LEU A 275 -0.58 5.63 -10.85
N ALA A 276 -0.15 6.88 -10.79
CA ALA A 276 -0.67 7.90 -11.69
C ALA A 276 -0.38 7.56 -13.16
N ASN A 277 0.84 7.10 -13.43
CA ASN A 277 1.25 6.74 -14.79
C ASN A 277 0.64 5.45 -15.32
N ASN A 278 -0.25 4.85 -14.55
CA ASN A 278 -0.89 3.60 -14.96
C ASN A 278 -2.31 3.85 -15.45
N ARG A 279 -2.60 3.41 -16.67
CA ARG A 279 -3.92 3.60 -17.24
C ARG A 279 -4.88 2.60 -16.61
N GLU A 280 -4.47 1.33 -16.61
CA GLU A 280 -5.27 0.26 -16.04
C GLU A 280 -4.89 0.03 -14.58
N LYS A 281 -5.76 0.48 -13.67
CA LYS A 281 -5.52 0.33 -12.23
C LYS A 281 -6.11 -0.96 -11.65
N ARG A 282 -6.94 -1.65 -12.42
CA ARG A 282 -7.51 -2.90 -11.94
C ARG A 282 -6.45 -4.00 -11.97
N GLY A 283 -6.45 -4.85 -10.95
CA GLY A 283 -5.47 -5.92 -10.88
C GLY A 283 -4.25 -5.51 -10.09
N LEU A 284 -4.18 -4.24 -9.71
CA LEU A 284 -3.05 -3.73 -8.94
C LEU A 284 -3.33 -3.58 -7.46
N ALA A 285 -2.34 -3.90 -6.63
CA ALA A 285 -2.47 -3.76 -5.19
C ALA A 285 -2.27 -2.27 -4.88
N LEU A 286 -3.27 -1.63 -4.30
CA LEU A 286 -3.20 -0.23 -3.95
C LEU A 286 -3.34 -0.08 -2.44
N ASP A 287 -3.10 1.12 -1.91
CA ASP A 287 -3.23 1.32 -0.49
C ASP A 287 -4.54 2.03 -0.16
N GLY A 288 -5.40 2.15 -1.17
CA GLY A 288 -6.69 2.79 -1.01
C GLY A 288 -7.53 2.60 -2.26
N LYS A 289 -8.67 3.27 -2.32
CA LYS A 289 -9.58 3.17 -3.45
C LYS A 289 -9.04 3.84 -4.70
N LEU A 290 -9.34 3.26 -5.85
CA LEU A 290 -8.91 3.76 -7.16
C LEU A 290 -9.33 5.20 -7.42
N LYS A 291 -10.59 5.51 -7.11
CA LYS A 291 -11.17 6.83 -7.33
C LYS A 291 -10.55 7.93 -6.49
N HIS A 292 -9.65 7.56 -5.60
CA HIS A 292 -9.02 8.55 -4.75
C HIS A 292 -7.69 9.04 -5.29
N GLU A 293 -7.45 10.33 -5.05
CA GLU A 293 -6.25 11.04 -5.49
C GLU A 293 -4.98 10.70 -4.70
N ASP A 294 -5.13 10.53 -3.38
CA ASP A 294 -3.97 10.24 -2.53
C ASP A 294 -3.55 8.78 -2.47
N THR A 295 -4.26 7.94 -3.20
CA THR A 295 -3.99 6.51 -3.26
C THR A 295 -2.72 6.21 -4.05
N ASN A 296 -1.89 5.32 -3.52
CA ASN A 296 -0.64 4.93 -4.14
C ASN A 296 -0.60 3.42 -4.30
N LEU A 297 0.45 2.93 -4.93
CA LEU A 297 0.68 1.50 -5.08
C LEU A 297 0.88 0.98 -3.64
N ALA A 298 0.46 -0.24 -3.36
CA ALA A 298 0.66 -0.79 -2.04
C ALA A 298 2.18 -0.92 -1.79
N SER A 299 2.59 -0.88 -0.54
CA SER A 299 4.00 -1.01 -0.23
C SER A 299 4.40 -2.47 -0.19
N THR A 300 5.70 -2.73 -0.19
CA THR A 300 6.21 -4.08 -0.10
C THR A 300 5.73 -4.58 1.26
N THR A 301 5.18 -5.78 1.32
CA THR A 301 4.69 -6.33 2.59
C THR A 301 5.85 -6.85 3.43
N VAL A 302 6.05 -6.26 4.60
CA VAL A 302 7.12 -6.71 5.47
C VAL A 302 6.73 -8.05 6.06
N ILE A 303 7.45 -9.10 5.67
CA ILE A 303 7.16 -10.43 6.19
C ILE A 303 8.29 -10.87 7.11
N ARG A 304 7.90 -11.39 8.28
CA ARG A 304 8.86 -11.82 9.28
C ARG A 304 8.81 -13.33 9.51
N PRO A 305 9.97 -13.92 9.86
CA PRO A 305 10.03 -15.37 10.12
C PRO A 305 9.27 -15.75 11.40
N GLY A 306 8.78 -16.97 11.44
CA GLY A 306 8.04 -17.42 12.62
C GLY A 306 6.57 -17.03 12.60
N MET A 307 6.18 -16.14 11.69
CA MET A 307 4.79 -15.74 11.62
C MET A 307 4.07 -16.37 10.44
N ASP A 308 2.79 -16.68 10.64
CA ASP A 308 1.98 -17.24 9.59
C ASP A 308 1.72 -16.08 8.62
N LYS A 309 2.05 -16.25 7.34
CA LYS A 309 1.84 -15.19 6.37
C LYS A 309 0.37 -14.92 6.11
N GLU A 310 -0.49 -15.87 6.45
CA GLU A 310 -1.94 -15.72 6.25
C GLU A 310 -2.58 -14.61 7.08
N VAL A 311 -1.99 -14.28 8.22
CA VAL A 311 -2.53 -13.25 9.08
C VAL A 311 -2.37 -11.87 8.43
N LEU A 312 -1.63 -11.85 7.33
CA LEU A 312 -1.42 -10.60 6.60
C LEU A 312 -2.50 -10.38 5.53
N GLY A 313 -3.21 -11.45 5.18
CA GLY A 313 -4.27 -11.33 4.19
C GLY A 313 -3.78 -11.19 2.75
N ILE A 314 -3.02 -10.13 2.48
CA ILE A 314 -2.50 -9.89 1.12
C ILE A 314 -0.99 -9.62 1.17
N LEU A 315 -0.24 -10.32 0.30
CA LEU A 315 1.21 -10.16 0.23
C LEU A 315 1.55 -9.40 -1.05
N VAL A 316 2.31 -8.33 -0.89
CA VAL A 316 2.70 -7.52 -2.03
C VAL A 316 4.21 -7.42 -2.07
N SER A 317 4.77 -7.67 -3.25
CA SER A 317 6.20 -7.60 -3.48
C SER A 317 6.46 -7.07 -4.88
N TYR A 318 7.67 -6.58 -5.12
CA TYR A 318 8.01 -6.03 -6.42
C TYR A 318 9.28 -6.62 -6.99
N LYS A 319 9.44 -6.43 -8.29
CA LYS A 319 10.60 -6.89 -9.04
C LYS A 319 10.91 -5.90 -10.16
N VAL A 320 12.19 -5.84 -10.51
CA VAL A 320 12.66 -5.03 -11.63
C VAL A 320 13.10 -6.10 -12.62
N LYS A 321 12.59 -6.03 -13.85
CA LYS A 321 13.00 -6.99 -14.84
C LYS A 321 13.61 -6.30 -16.05
N VAL A 322 14.61 -6.95 -16.64
CA VAL A 322 15.30 -6.42 -17.83
C VAL A 322 15.12 -7.44 -18.93
N HIS A 323 14.43 -7.04 -19.98
CA HIS A 323 14.13 -7.88 -21.14
C HIS A 323 14.88 -7.43 -22.39
N LEU A 324 15.54 -8.39 -23.03
CA LEU A 324 16.26 -8.12 -24.25
C LEU A 324 15.56 -8.84 -25.38
N VAL A 325 15.30 -8.14 -26.47
CA VAL A 325 14.70 -8.76 -27.63
C VAL A 325 15.88 -9.09 -28.52
N VAL A 326 16.14 -10.38 -28.73
CA VAL A 326 17.27 -10.86 -29.53
C VAL A 326 16.79 -11.49 -30.83
N ALA A 327 17.26 -10.96 -31.96
CA ALA A 327 16.84 -11.52 -33.24
C ALA A 327 17.80 -12.60 -33.73
N ARG A 328 17.23 -13.65 -34.35
CA ARG A 328 18.01 -14.79 -34.87
C ARG A 328 19.21 -14.34 -35.70
N GLY A 329 19.46 -13.05 -35.69
CA GLY A 329 20.52 -12.43 -36.42
C GLY A 329 19.90 -11.07 -36.67
N GLY A 330 19.74 -10.32 -35.59
CA GLY A 330 19.14 -9.00 -35.65
C GLY A 330 19.21 -8.24 -36.97
N ILE A 331 18.44 -8.68 -37.96
CA ILE A 331 18.45 -8.01 -39.25
C ILE A 331 17.19 -8.34 -40.05
N LEU A 332 17.16 -7.84 -41.29
CA LEU A 332 16.06 -8.06 -42.24
C LEU A 332 14.74 -8.54 -41.63
N GLY A 333 14.15 -9.53 -42.27
CA GLY A 333 12.88 -10.08 -41.82
C GLY A 333 13.04 -11.21 -40.82
N ASP A 334 14.28 -11.48 -40.40
CA ASP A 334 14.54 -12.53 -39.42
C ASP A 334 13.95 -12.13 -38.07
N LEU A 335 12.78 -11.50 -38.15
CA LEU A 335 12.05 -11.02 -36.98
C LEU A 335 11.53 -12.20 -36.18
N THR A 336 12.19 -13.35 -36.34
CA THR A 336 11.85 -14.56 -35.59
C THR A 336 12.75 -14.45 -34.36
N SER A 337 12.51 -13.39 -33.58
CA SER A 337 13.31 -13.09 -32.40
C SER A 337 12.97 -13.86 -31.12
N SER A 338 13.89 -13.77 -30.17
CA SER A 338 13.74 -14.42 -28.88
C SER A 338 13.84 -13.38 -27.77
N ASP A 339 13.56 -13.80 -26.54
CA ASP A 339 13.60 -12.90 -25.41
C ASP A 339 14.41 -13.54 -24.28
N VAL A 340 15.24 -12.73 -23.60
CA VAL A 340 16.02 -13.21 -22.47
C VAL A 340 15.82 -12.17 -21.40
N ALA A 341 15.76 -12.60 -20.14
CA ALA A 341 15.53 -11.63 -19.09
C ALA A 341 16.05 -12.06 -17.74
N VAL A 342 16.34 -11.08 -16.91
CA VAL A 342 16.81 -11.32 -15.55
C VAL A 342 15.93 -10.46 -14.68
N GLU A 343 15.90 -10.77 -13.40
CA GLU A 343 15.07 -10.03 -12.47
C GLU A 343 15.82 -9.81 -11.17
N LEU A 344 15.33 -8.86 -10.40
CA LEU A 344 15.89 -8.49 -9.12
C LEU A 344 14.75 -8.06 -8.23
N PRO A 345 14.79 -8.42 -6.95
CA PRO A 345 13.74 -8.05 -5.99
C PRO A 345 13.76 -6.53 -5.84
N LEU A 346 12.64 -5.94 -5.46
CA LEU A 346 12.57 -4.50 -5.27
C LEU A 346 11.68 -4.21 -4.06
N THR A 347 12.24 -3.56 -3.05
CA THR A 347 11.45 -3.21 -1.87
C THR A 347 10.99 -1.76 -2.04
N LEU A 348 9.68 -1.56 -2.13
CA LEU A 348 9.10 -0.23 -2.30
C LEU A 348 8.26 0.14 -1.06
N MET A 349 8.66 1.21 -0.38
CA MET A 349 8.02 1.68 0.85
C MET A 349 7.66 3.16 0.76
N HIS A 350 6.91 3.62 1.75
CA HIS A 350 6.50 5.03 1.84
C HIS A 350 7.66 5.90 2.30
N PRO A 351 7.80 7.10 1.71
CA PRO A 351 8.83 8.12 1.97
C PRO A 351 9.31 8.23 3.40
N LYS A 352 8.39 8.62 4.29
CA LYS A 352 8.64 8.77 5.73
C LYS A 352 8.18 10.13 6.22
N PRO A 353 7.58 10.19 7.42
CA PRO A 353 7.10 11.46 7.99
C PRO A 353 8.29 12.27 8.48
N SER A 354 8.14 13.59 8.51
CA SER A 354 9.22 14.45 8.99
C SER A 354 8.84 15.08 10.31
N ASP A 355 9.83 15.64 11.00
CA ASP A 355 9.59 16.28 12.28
C ASP A 355 8.89 17.63 12.09
N ASP A 363 -3.23 27.87 14.43
CA ASP A 363 -4.69 27.82 14.45
C ASP A 363 -5.21 26.57 13.74
N ILE A 364 -6.19 25.92 14.34
CA ILE A 364 -6.76 24.70 13.79
C ILE A 364 -7.73 24.88 12.63
N ILE A 365 -7.38 24.31 11.48
CA ILE A 365 -8.21 24.38 10.28
C ILE A 365 -8.94 23.05 10.12
N ILE A 366 -10.24 23.08 10.36
CA ILE A 366 -11.09 21.90 10.26
C ILE A 366 -11.52 21.61 8.82
N GLU A 367 -11.23 20.38 8.39
CA GLU A 367 -11.56 19.95 7.04
C GLU A 367 -12.41 18.67 7.13
N GLU A 368 -13.25 18.42 6.13
CA GLU A 368 -14.07 17.22 6.13
C GLU A 368 -13.12 16.05 5.83
N PHE A 369 -13.34 14.89 6.46
CA PHE A 369 -12.47 13.73 6.28
C PHE A 369 -12.49 13.10 4.89
N ALA A 370 -13.69 12.94 4.32
CA ALA A 370 -13.84 12.34 2.99
C ALA A 370 -12.70 12.69 2.05
N ARG A 371 -11.98 11.67 1.59
CA ARG A 371 -10.86 11.86 0.68
C ARG A 371 -11.40 12.37 -0.66
N GLN A 372 -10.70 13.33 -1.25
CA GLN A 372 -11.12 13.93 -2.51
C GLN A 372 -10.85 13.02 -3.72
N LYS A 373 -11.82 12.99 -4.63
CA LYS A 373 -11.72 12.20 -5.85
C LYS A 373 -11.07 13.08 -6.92
N LEU A 374 -10.10 12.54 -7.63
CA LEU A 374 -9.49 13.33 -8.68
C LEU A 374 -10.22 13.04 -9.98
#